data_8SC4
#
_entry.id   8SC4
#
_cell.length_a   1.00
_cell.length_b   1.00
_cell.length_c   1.00
_cell.angle_alpha   90.00
_cell.angle_beta   90.00
_cell.angle_gamma   90.00
#
_symmetry.space_group_name_H-M   'P 1'
#
loop_
_entity.id
_entity.type
_entity.pdbx_description
1 polymer 'Solute carrier family 22 member 1'
2 non-polymer Metformin
#
_entity_poly.entity_id   1
_entity_poly.type   'polypeptide(L)'
_entity_poly.pdbx_seq_one_letter_code
;MPTVDDILEQVGESGWFQKQAFLILCLLSAAFAPICVGIVFLGFTPDHHCQSPGVAELSQRCGWSPAEELNYTVPGLGPA
GEAFLGQCRRYEVDWNQSALSCVDPLASLATNRSHLPLGPCQDGWVYDTPGSSIVTEFNLVCADSWKLDLFQSCLNAGFL
FGSLGVGYFADRFGRKLCLLGTVLVNAVSGVLMAFSPNYMSMLLFRLLQGLVSKGNWMAGYTLITEFVGSGSRRTVAIMY
QMAFTVGLVALTGLAYALPHWRWLQLAVSLPTFLFLLYYWCVPESPRWLLSQKRNTEAIKIMDHIAQKNGKLPPADLKML
SLEEDVTEKLSPSFADLFRTPRLRKRTFILMYLWFTDSVLYQGLILHMGATSGNLYLDFLYSALVEIPGAFIALITIDRV
GRIYPMAMSNLLAGAACLVMIFISPDLHWLNIIIMCVGRMGITIAIQMICLVNAELYPTFVRNLGVMVCSSLCDIGGIIT
PFIVFRLREVWQALPLILFAVLGLLAAGVTLLLPETKGVALPETMKDAENLGRKAKPKENTIYLKVQTSEPSGT
;
_entity_poly.pdbx_strand_id   A
#
loop_
_chem_comp.id
_chem_comp.type
_chem_comp.name
_chem_comp.formula
MF8 non-polymer Metformin 'C4 H11 N5'
#
# COMPACT_ATOMS: atom_id res chain seq x y z
N LYS A 19 -1.21 24.40 18.19
CA LYS A 19 -1.26 25.28 17.01
C LYS A 19 -2.40 24.87 16.08
N GLN A 20 -3.46 25.69 16.08
CA GLN A 20 -4.58 25.46 15.18
C GLN A 20 -4.13 25.46 13.71
N ALA A 21 -3.39 26.48 13.31
CA ALA A 21 -3.00 26.64 11.91
C ALA A 21 -2.11 25.50 11.43
N PHE A 22 -1.41 24.82 12.34
CA PHE A 22 -0.60 23.65 12.05
C PHE A 22 -1.46 22.38 12.07
N LEU A 23 -2.30 22.26 13.11
CA LEU A 23 -3.16 21.09 13.27
C LEU A 23 -4.07 20.88 12.06
N ILE A 24 -4.68 21.96 11.57
CA ILE A 24 -5.63 21.88 10.47
C ILE A 24 -5.02 21.35 9.17
N LEU A 25 -3.70 21.39 9.02
CA LEU A 25 -3.06 20.79 7.86
C LEU A 25 -2.47 19.42 8.19
N CYS A 26 -1.96 19.25 9.41
CA CYS A 26 -1.41 17.94 9.75
C CYS A 26 -2.50 16.88 9.78
N LEU A 27 -3.72 17.24 10.20
CA LEU A 27 -4.82 16.29 10.09
C LEU A 27 -5.04 15.85 8.65
N LEU A 28 -4.95 16.79 7.71
CA LEU A 28 -5.13 16.52 6.28
C LEU A 28 -3.96 15.75 5.68
N SER A 29 -2.84 15.69 6.39
CA SER A 29 -1.76 14.77 6.01
C SER A 29 -1.96 13.38 6.63
N ALA A 30 -2.28 13.34 7.92
CA ALA A 30 -2.48 12.09 8.64
C ALA A 30 -3.61 11.27 8.02
N ALA A 31 -4.67 11.94 7.55
CA ALA A 31 -5.80 11.23 6.96
C ALA A 31 -5.50 10.66 5.57
N PHE A 32 -4.38 11.03 4.96
CA PHE A 32 -4.02 10.48 3.66
C PHE A 32 -3.44 9.08 3.76
N ALA A 33 -2.70 8.78 4.84
CA ALA A 33 -2.06 7.47 4.98
C ALA A 33 -3.04 6.31 5.00
N PRO A 34 -4.16 6.35 5.72
CA PRO A 34 -5.14 5.26 5.61
C PRO A 34 -5.64 5.00 4.20
N ILE A 35 -5.68 6.02 3.35
CA ILE A 35 -6.10 5.83 1.96
C ILE A 35 -5.03 5.12 1.15
N CYS A 36 -3.78 5.57 1.27
CA CYS A 36 -2.70 5.03 0.44
C CYS A 36 -2.40 3.57 0.78
N VAL A 37 -2.22 3.26 2.07
CA VAL A 37 -1.80 1.93 2.49
C VAL A 37 -2.95 1.03 2.93
N GLY A 38 -4.16 1.57 3.06
CA GLY A 38 -5.30 0.85 3.62
C GLY A 38 -5.62 -0.52 3.05
N ILE A 39 -5.20 -0.79 1.81
CA ILE A 39 -5.38 -2.11 1.23
C ILE A 39 -4.82 -3.22 2.10
N VAL A 40 -3.74 -2.94 2.84
CA VAL A 40 -3.12 -3.96 3.69
C VAL A 40 -4.07 -4.43 4.80
N PHE A 41 -5.06 -3.61 5.16
CA PHE A 41 -6.03 -4.00 6.17
C PHE A 41 -7.43 -4.19 5.61
N LEU A 42 -7.80 -3.46 4.56
CA LEU A 42 -9.09 -3.67 3.91
C LEU A 42 -9.12 -4.94 3.09
N GLY A 43 -7.97 -5.43 2.65
CA GLY A 43 -7.92 -6.51 1.69
C GLY A 43 -6.86 -7.56 1.99
N PHE A 44 -6.83 -8.04 3.23
CA PHE A 44 -6.05 -9.23 3.52
C PHE A 44 -6.73 -10.45 2.94
N THR A 45 -5.91 -11.43 2.55
CA THR A 45 -6.41 -12.72 2.06
C THR A 45 -6.22 -13.80 3.11
N PRO A 46 -7.26 -14.17 3.85
CA PRO A 46 -7.12 -15.25 4.83
C PRO A 46 -7.10 -16.61 4.16
N ASP A 47 -6.68 -17.61 4.93
CA ASP A 47 -6.61 -18.97 4.40
C ASP A 47 -8.02 -19.46 4.04
N HIS A 48 -8.10 -20.20 2.95
CA HIS A 48 -9.40 -20.58 2.40
C HIS A 48 -9.30 -21.91 1.66
N HIS A 49 -10.47 -22.53 1.47
CA HIS A 49 -10.60 -23.77 0.72
C HIS A 49 -11.96 -23.75 0.03
N CYS A 50 -12.14 -24.64 -0.96
CA CYS A 50 -13.40 -24.67 -1.66
C CYS A 50 -14.53 -25.07 -0.71
N GLN A 51 -15.58 -24.25 -0.66
CA GLN A 51 -16.78 -24.65 0.05
C GLN A 51 -17.30 -25.95 -0.56
N SER A 52 -17.75 -26.86 0.30
CA SER A 52 -18.00 -28.24 -0.12
C SER A 52 -19.35 -28.73 0.38
N PRO A 53 -20.39 -28.66 -0.44
CA PRO A 53 -21.72 -29.10 0.00
C PRO A 53 -21.73 -30.57 0.42
N GLY A 54 -22.41 -30.84 1.53
CA GLY A 54 -22.43 -32.16 2.13
C GLY A 54 -21.32 -32.44 3.12
N VAL A 55 -20.20 -31.72 3.03
CA VAL A 55 -19.13 -31.88 4.02
C VAL A 55 -19.62 -31.47 5.42
N ALA A 56 -20.39 -30.38 5.49
CA ALA A 56 -20.98 -29.99 6.77
C ALA A 56 -21.88 -31.09 7.33
N GLU A 57 -22.60 -31.79 6.46
CA GLU A 57 -23.45 -32.89 6.91
C GLU A 57 -22.59 -34.06 7.40
N LEU A 58 -21.58 -34.43 6.60
CA LEU A 58 -20.69 -35.52 6.99
C LEU A 58 -19.87 -35.14 8.21
N SER A 59 -19.44 -33.87 8.30
CA SER A 59 -18.76 -33.40 9.50
C SER A 59 -19.65 -33.47 10.73
N GLN A 60 -20.93 -33.12 10.56
CA GLN A 60 -21.88 -33.26 11.67
C GLN A 60 -22.05 -34.71 12.07
N ARG A 61 -22.11 -35.62 11.10
CA ARG A 61 -22.28 -37.04 11.42
C ARG A 61 -21.04 -37.59 12.12
N CYS A 62 -19.86 -37.35 11.56
CA CYS A 62 -18.61 -37.93 12.03
C CYS A 62 -17.96 -37.13 13.15
N GLY A 63 -18.28 -35.84 13.26
CA GLY A 63 -17.76 -35.04 14.36
C GLY A 63 -16.37 -34.48 14.16
N TRP A 64 -16.03 -34.04 12.95
CA TRP A 64 -14.70 -33.49 12.71
C TRP A 64 -14.58 -32.11 13.32
N SER A 65 -13.50 -31.89 14.07
CA SER A 65 -13.15 -30.59 14.58
C SER A 65 -12.57 -29.72 13.46
N PRO A 66 -12.52 -28.39 13.65
CA PRO A 66 -12.09 -27.50 12.55
C PRO A 66 -10.71 -27.84 12.01
N ALA A 67 -9.76 -28.20 12.86
CA ALA A 67 -8.42 -28.53 12.39
C ALA A 67 -8.33 -29.95 11.83
N GLU A 68 -9.28 -30.81 12.17
CA GLU A 68 -9.29 -32.21 11.73
C GLU A 68 -9.96 -32.37 10.37
N GLU A 69 -11.06 -31.63 10.14
CA GLU A 69 -11.78 -31.69 8.87
C GLU A 69 -10.87 -31.41 7.68
N LEU A 70 -9.93 -30.48 7.84
CA LEU A 70 -9.02 -30.16 6.74
C LEU A 70 -8.05 -31.28 6.43
N ASN A 71 -7.91 -32.28 7.31
CA ASN A 71 -7.10 -33.44 6.97
C ASN A 71 -7.81 -34.35 5.99
N TYR A 72 -9.15 -34.40 6.04
CA TYR A 72 -9.91 -35.37 5.27
C TYR A 72 -10.72 -34.78 4.13
N THR A 73 -10.88 -33.46 4.06
CA THR A 73 -11.84 -32.86 3.14
C THR A 73 -11.21 -31.86 2.18
N VAL A 74 -9.88 -31.76 2.16
CA VAL A 74 -9.19 -30.78 1.32
C VAL A 74 -7.97 -31.44 0.70
N PRO A 75 -7.61 -31.05 -0.53
CA PRO A 75 -6.42 -31.62 -1.15
C PRO A 75 -5.17 -31.43 -0.29
N GLY A 76 -4.40 -32.51 -0.16
CA GLY A 76 -3.27 -32.51 0.75
C GLY A 76 -2.08 -31.75 0.20
N LEU A 77 -1.23 -31.30 1.12
CA LEU A 77 0.01 -30.65 0.74
C LEU A 77 1.05 -31.69 0.35
N GLY A 78 2.10 -31.22 -0.33
CA GLY A 78 3.15 -32.09 -0.80
C GLY A 78 4.38 -31.32 -1.21
N PRO A 79 5.24 -31.95 -2.03
CA PRO A 79 6.38 -31.21 -2.59
C PRO A 79 5.90 -30.06 -3.46
N ALA A 80 6.64 -28.96 -3.41
CA ALA A 80 6.23 -27.69 -4.03
C ALA A 80 4.93 -27.17 -3.42
N GLY A 81 4.68 -27.52 -2.17
CA GLY A 81 3.53 -27.02 -1.43
C GLY A 81 2.22 -27.71 -1.77
N GLU A 82 1.79 -27.61 -3.02
CA GLU A 82 0.47 -28.04 -3.48
C GLU A 82 -0.67 -27.27 -2.82
N ALA A 83 -0.35 -26.19 -2.11
CA ALA A 83 -1.37 -25.37 -1.46
C ALA A 83 -2.38 -24.82 -2.47
N PHE A 84 -1.96 -24.61 -3.72
CA PHE A 84 -2.88 -24.15 -4.75
C PHE A 84 -4.06 -25.10 -4.92
N LEU A 85 -3.82 -26.42 -4.87
CA LEU A 85 -4.92 -27.36 -4.97
C LEU A 85 -5.88 -27.20 -3.80
N GLY A 86 -5.34 -27.11 -2.58
CA GLY A 86 -6.18 -26.89 -1.42
C GLY A 86 -6.97 -25.60 -1.50
N GLN A 87 -6.37 -24.57 -2.10
CA GLN A 87 -7.01 -23.27 -2.20
C GLN A 87 -7.99 -23.16 -3.37
N CYS A 88 -7.83 -23.97 -4.42
CA CYS A 88 -8.58 -23.70 -5.64
C CYS A 88 -9.19 -24.96 -6.26
N ARG A 89 -9.09 -26.12 -5.61
CA ARG A 89 -9.67 -27.35 -6.13
C ARG A 89 -10.28 -28.15 -4.98
N ARG A 90 -11.13 -29.11 -5.32
CA ARG A 90 -11.77 -29.93 -4.31
C ARG A 90 -12.14 -31.29 -4.89
N TYR A 91 -12.09 -32.31 -4.04
CA TYR A 91 -12.53 -33.65 -4.45
C TYR A 91 -14.02 -33.64 -4.75
N GLU A 92 -14.39 -34.15 -5.92
CA GLU A 92 -15.79 -34.22 -6.34
C GLU A 92 -16.48 -35.46 -5.77
N VAL A 93 -16.42 -35.59 -4.46
CA VAL A 93 -16.98 -36.76 -3.77
C VAL A 93 -18.43 -36.51 -3.40
N ASP A 94 -19.21 -37.60 -3.35
CA ASP A 94 -20.61 -37.58 -2.94
C ASP A 94 -20.69 -37.57 -1.41
N TRP A 95 -20.32 -36.43 -0.82
CA TRP A 95 -20.20 -36.31 0.63
C TRP A 95 -21.48 -36.65 1.37
N ASN A 96 -22.64 -36.60 0.70
CA ASN A 96 -23.89 -36.96 1.36
C ASN A 96 -23.95 -38.44 1.74
N GLN A 97 -23.10 -39.28 1.14
CA GLN A 97 -23.17 -40.71 1.35
C GLN A 97 -22.78 -41.08 2.79
N SER A 98 -23.73 -41.66 3.53
CA SER A 98 -23.43 -42.23 4.84
C SER A 98 -22.60 -43.50 4.74
N ALA A 99 -22.39 -44.02 3.54
CA ALA A 99 -21.50 -45.15 3.30
C ALA A 99 -20.03 -44.81 3.54
N LEU A 100 -19.70 -43.53 3.60
CA LEU A 100 -18.30 -43.12 3.75
C LEU A 100 -17.79 -43.39 5.16
N SER A 101 -16.52 -43.80 5.23
CA SER A 101 -15.83 -44.02 6.50
C SER A 101 -15.64 -42.70 7.23
N CYS A 102 -15.95 -42.72 8.53
CA CYS A 102 -15.64 -41.59 9.41
C CYS A 102 -14.18 -41.56 9.82
N VAL A 103 -13.44 -42.66 9.67
CA VAL A 103 -12.02 -42.63 9.96
C VAL A 103 -11.27 -41.84 8.88
N ASP A 104 -11.53 -42.17 7.61
CA ASP A 104 -11.08 -41.39 6.47
C ASP A 104 -11.92 -41.81 5.26
N PRO A 105 -12.83 -40.96 4.79
CA PRO A 105 -13.70 -41.37 3.67
C PRO A 105 -12.96 -41.63 2.38
N LEU A 106 -11.82 -40.98 2.16
CA LEU A 106 -11.11 -41.13 0.89
C LEU A 106 -10.46 -42.50 0.74
N ALA A 107 -10.14 -43.17 1.85
CA ALA A 107 -9.67 -44.54 1.78
C ALA A 107 -10.77 -45.49 1.32
N SER A 108 -12.03 -45.14 1.56
CA SER A 108 -13.17 -45.91 1.07
C SER A 108 -13.47 -45.68 -0.40
N LEU A 109 -12.81 -44.74 -1.05
CA LEU A 109 -13.22 -44.29 -2.38
C LEU A 109 -12.19 -44.50 -3.47
N ALA A 110 -10.90 -44.53 -3.14
CA ALA A 110 -9.86 -44.70 -4.15
C ALA A 110 -8.73 -45.55 -3.59
N THR A 111 -8.01 -46.21 -4.51
CA THR A 111 -6.82 -46.95 -4.12
C THR A 111 -5.73 -46.01 -3.63
N ASN A 112 -5.64 -44.81 -4.22
CA ASN A 112 -4.76 -43.77 -3.72
C ASN A 112 -5.45 -42.43 -3.90
N ARG A 113 -5.30 -41.56 -2.89
CA ARG A 113 -5.97 -40.26 -2.88
C ARG A 113 -5.67 -39.42 -4.13
N SER A 114 -4.48 -39.60 -4.72
CA SER A 114 -4.11 -38.85 -5.92
C SER A 114 -5.11 -39.03 -7.06
N HIS A 115 -5.82 -40.14 -7.10
CA HIS A 115 -6.65 -40.50 -8.25
C HIS A 115 -8.08 -39.97 -8.16
N LEU A 116 -8.45 -39.31 -7.08
CA LEU A 116 -9.82 -38.85 -6.92
C LEU A 116 -10.18 -37.83 -8.01
N PRO A 117 -11.46 -37.76 -8.39
CA PRO A 117 -11.90 -36.69 -9.31
C PRO A 117 -11.81 -35.32 -8.66
N LEU A 118 -11.37 -34.34 -9.45
CA LEU A 118 -11.08 -33.01 -8.94
C LEU A 118 -11.83 -31.96 -9.76
N GLY A 119 -12.33 -30.93 -9.08
CA GLY A 119 -13.03 -29.85 -9.73
C GLY A 119 -12.74 -28.50 -9.11
N PRO A 120 -13.13 -27.42 -9.79
CA PRO A 120 -13.02 -26.08 -9.21
C PRO A 120 -14.12 -25.80 -8.19
N CYS A 121 -13.87 -24.79 -7.37
CA CYS A 121 -14.80 -24.42 -6.30
C CYS A 121 -16.03 -23.75 -6.88
N GLN A 122 -16.87 -24.52 -7.56
CA GLN A 122 -18.04 -23.96 -8.23
C GLN A 122 -19.05 -23.34 -7.27
N ASP A 123 -19.13 -23.84 -6.03
CA ASP A 123 -20.26 -23.49 -5.18
C ASP A 123 -19.98 -22.40 -4.16
N GLY A 124 -18.74 -22.03 -3.92
CA GLY A 124 -18.45 -20.98 -2.96
C GLY A 124 -17.11 -21.20 -2.27
N TRP A 125 -16.90 -20.42 -1.21
CA TRP A 125 -15.62 -20.37 -0.53
C TRP A 125 -15.82 -20.26 0.98
N VAL A 126 -14.87 -20.82 1.73
CA VAL A 126 -14.85 -20.73 3.19
C VAL A 126 -13.60 -19.96 3.59
N TYR A 127 -13.75 -18.99 4.47
CA TYR A 127 -12.62 -18.14 4.87
C TYR A 127 -12.41 -18.23 6.38
N ASP A 128 -11.16 -18.46 6.78
CA ASP A 128 -10.75 -18.50 8.18
C ASP A 128 -10.53 -17.08 8.71
N THR A 129 -11.63 -16.35 8.90
CA THR A 129 -11.56 -15.08 9.59
C THR A 129 -12.90 -14.79 10.24
N PRO A 130 -12.92 -14.09 11.38
CA PRO A 130 -14.19 -13.61 11.93
C PRO A 130 -14.74 -12.40 11.22
N GLY A 131 -13.92 -11.65 10.51
CA GLY A 131 -14.32 -10.43 9.86
C GLY A 131 -14.57 -10.62 8.38
N SER A 132 -14.32 -9.57 7.60
CA SER A 132 -14.31 -9.70 6.15
C SER A 132 -13.37 -8.66 5.55
N SER A 133 -12.87 -8.98 4.37
CA SER A 133 -12.07 -8.09 3.55
C SER A 133 -12.63 -8.11 2.14
N ILE A 134 -12.22 -7.13 1.32
CA ILE A 134 -12.68 -7.10 -0.06
C ILE A 134 -12.43 -8.44 -0.74
N VAL A 135 -11.32 -9.09 -0.40
CA VAL A 135 -11.03 -10.42 -0.93
C VAL A 135 -12.14 -11.39 -0.52
N THR A 136 -12.47 -11.42 0.76
CA THR A 136 -13.48 -12.36 1.24
C THR A 136 -14.88 -11.99 0.80
N GLU A 137 -15.10 -10.75 0.37
CA GLU A 137 -16.46 -10.27 0.13
C GLU A 137 -16.82 -10.20 -1.34
N PHE A 138 -15.82 -10.07 -2.23
CA PHE A 138 -16.04 -10.21 -3.66
C PHE A 138 -15.40 -11.48 -4.22
N ASN A 139 -14.91 -12.35 -3.34
CA ASN A 139 -14.30 -13.63 -3.72
C ASN A 139 -13.14 -13.45 -4.71
N LEU A 140 -12.24 -12.53 -4.39
CA LEU A 140 -11.09 -12.26 -5.24
C LEU A 140 -9.97 -13.27 -5.02
N VAL A 141 -10.32 -14.56 -5.03
CA VAL A 141 -9.37 -15.63 -4.85
C VAL A 141 -9.06 -16.28 -6.19
N CYS A 142 -8.01 -17.11 -6.20
CA CYS A 142 -7.61 -17.93 -7.36
C CYS A 142 -7.54 -17.07 -8.62
N ALA A 143 -8.20 -17.46 -9.72
CA ALA A 143 -8.10 -16.74 -10.98
C ALA A 143 -8.50 -15.28 -10.89
N ASP A 144 -9.39 -14.94 -9.95
CA ASP A 144 -9.79 -13.55 -9.78
C ASP A 144 -8.76 -12.69 -9.05
N SER A 145 -7.73 -13.30 -8.45
CA SER A 145 -6.87 -12.59 -7.51
C SER A 145 -6.17 -11.38 -8.13
N TRP A 146 -5.97 -11.35 -9.44
CA TRP A 146 -5.41 -10.15 -10.08
C TRP A 146 -6.23 -8.91 -9.74
N LYS A 147 -7.55 -9.04 -9.65
CA LYS A 147 -8.39 -7.89 -9.38
C LYS A 147 -7.98 -7.18 -8.10
N LEU A 148 -7.37 -7.89 -7.16
CA LEU A 148 -6.90 -7.23 -5.94
C LEU A 148 -5.78 -6.25 -6.27
N ASP A 149 -4.84 -6.65 -7.13
CA ASP A 149 -3.83 -5.68 -7.56
C ASP A 149 -4.47 -4.58 -8.37
N LEU A 150 -5.56 -4.89 -9.06
CA LEU A 150 -6.31 -3.88 -9.80
C LEU A 150 -6.92 -2.85 -8.86
N PHE A 151 -7.14 -3.23 -7.60
CA PHE A 151 -7.64 -2.28 -6.61
C PHE A 151 -6.61 -1.21 -6.28
N GLN A 152 -5.37 -1.59 -5.99
CA GLN A 152 -4.32 -0.61 -5.73
C GLN A 152 -3.86 0.10 -6.99
N SER A 153 -3.92 -0.59 -8.14
CA SER A 153 -3.55 0.05 -9.40
C SER A 153 -4.50 1.18 -9.75
N CYS A 154 -5.81 0.97 -9.58
CA CYS A 154 -6.76 2.03 -9.90
C CYS A 154 -6.50 3.27 -9.05
N LEU A 155 -6.15 3.07 -7.78
CA LEU A 155 -5.77 4.21 -6.93
C LEU A 155 -4.55 4.93 -7.48
N ASN A 156 -3.51 4.19 -7.82
CA ASN A 156 -2.30 4.87 -8.29
C ASN A 156 -2.50 5.51 -9.66
N ALA A 157 -3.41 4.96 -10.48
CA ALA A 157 -3.83 5.61 -11.71
C ALA A 157 -4.55 6.92 -11.42
N GLY A 158 -5.41 6.93 -10.40
CA GLY A 158 -5.98 8.18 -9.95
C GLY A 158 -4.92 9.18 -9.53
N PHE A 159 -3.90 8.71 -8.83
CA PHE A 159 -2.78 9.58 -8.47
C PHE A 159 -2.12 10.18 -9.70
N LEU A 160 -1.84 9.34 -10.71
CA LEU A 160 -1.16 9.81 -11.91
C LEU A 160 -1.96 10.88 -12.63
N PHE A 161 -3.27 10.65 -12.83
CA PHE A 161 -4.11 11.67 -13.43
C PHE A 161 -4.18 12.92 -12.56
N GLY A 162 -4.18 12.75 -11.25
CA GLY A 162 -4.10 13.87 -10.33
C GLY A 162 -2.85 14.72 -10.50
N SER A 163 -1.68 14.10 -10.38
CA SER A 163 -0.42 14.84 -10.41
C SER A 163 -0.23 15.65 -11.69
N LEU A 164 -0.92 15.29 -12.78
CA LEU A 164 -0.87 16.09 -13.99
C LEU A 164 -2.09 16.98 -14.17
N GLY A 165 -3.29 16.47 -13.91
CA GLY A 165 -4.50 17.23 -14.20
C GLY A 165 -4.82 18.30 -13.18
N VAL A 166 -4.34 18.14 -11.94
CA VAL A 166 -4.70 19.06 -10.86
C VAL A 166 -4.18 20.46 -11.15
N GLY A 167 -2.98 20.57 -11.74
CA GLY A 167 -2.45 21.88 -12.06
C GLY A 167 -3.30 22.61 -13.08
N TYR A 168 -3.65 21.94 -14.17
CA TYR A 168 -4.52 22.52 -15.19
C TYR A 168 -5.85 22.93 -14.59
N PHE A 169 -6.45 22.03 -13.80
CA PHE A 169 -7.73 22.32 -13.15
C PHE A 169 -7.64 23.56 -12.27
N ALA A 170 -6.63 23.60 -11.38
CA ALA A 170 -6.47 24.73 -10.46
C ALA A 170 -6.09 26.01 -11.19
N ASP A 171 -5.59 25.89 -12.42
CA ASP A 171 -5.41 27.08 -13.25
C ASP A 171 -6.75 27.56 -13.80
N ARG A 172 -7.62 26.64 -14.18
CA ARG A 172 -8.90 26.97 -14.78
C ARG A 172 -9.99 27.24 -13.74
N PHE A 173 -9.79 26.81 -12.50
CA PHE A 173 -10.79 26.91 -11.46
C PHE A 173 -10.13 27.57 -10.24
N GLY A 174 -10.87 28.40 -9.53
CA GLY A 174 -10.29 29.17 -8.45
C GLY A 174 -9.76 28.30 -7.31
N ARG A 175 -8.61 28.72 -6.77
CA ARG A 175 -7.90 27.98 -5.73
C ARG A 175 -8.81 27.56 -4.57
N LYS A 176 -9.53 28.53 -4.00
CA LYS A 176 -10.42 28.22 -2.89
C LYS A 176 -11.47 27.20 -3.31
N LEU A 177 -12.03 27.37 -4.50
CA LEU A 177 -13.07 26.48 -5.01
C LEU A 177 -12.48 25.12 -5.30
N CYS A 178 -11.29 25.10 -5.90
CA CYS A 178 -10.55 23.86 -6.16
C CYS A 178 -10.37 23.05 -4.89
N LEU A 179 -9.79 23.65 -3.85
CA LEU A 179 -9.47 22.90 -2.64
C LEU A 179 -10.72 22.51 -1.87
N LEU A 180 -11.73 23.39 -1.80
CA LEU A 180 -13.00 23.00 -1.20
C LEU A 180 -13.61 21.81 -1.91
N GLY A 181 -13.64 21.85 -3.24
CA GLY A 181 -14.15 20.78 -4.05
C GLY A 181 -13.42 19.48 -3.79
N THR A 182 -12.09 19.50 -3.91
CA THR A 182 -11.32 18.26 -3.77
C THR A 182 -11.39 17.68 -2.37
N VAL A 183 -11.53 18.51 -1.33
CA VAL A 183 -11.72 17.97 0.01
C VAL A 183 -13.11 17.36 0.15
N LEU A 184 -14.14 18.04 -0.35
CA LEU A 184 -15.49 17.49 -0.26
C LEU A 184 -15.61 16.18 -1.03
N VAL A 185 -15.04 16.15 -2.24
CA VAL A 185 -15.08 14.94 -3.06
C VAL A 185 -14.29 13.81 -2.40
N ASN A 186 -13.15 14.13 -1.78
CA ASN A 186 -12.41 13.08 -1.07
C ASN A 186 -13.23 12.50 0.08
N ALA A 187 -13.77 13.37 0.93
CA ALA A 187 -14.57 12.92 2.07
C ALA A 187 -15.77 12.07 1.62
N VAL A 188 -16.51 12.54 0.62
CA VAL A 188 -17.68 11.81 0.15
C VAL A 188 -17.27 10.48 -0.48
N SER A 189 -16.33 10.51 -1.44
CA SER A 189 -15.96 9.29 -2.15
C SER A 189 -15.39 8.26 -1.21
N GLY A 190 -14.59 8.69 -0.23
CA GLY A 190 -14.11 7.77 0.79
C GLY A 190 -15.22 7.18 1.62
N VAL A 191 -16.20 8.00 2.00
CA VAL A 191 -17.36 7.48 2.71
C VAL A 191 -18.16 6.53 1.81
N LEU A 192 -18.49 6.98 0.60
CA LEU A 192 -19.33 6.17 -0.28
C LEU A 192 -18.70 4.85 -0.66
N MET A 193 -17.36 4.78 -0.72
CA MET A 193 -16.69 3.51 -0.98
C MET A 193 -17.10 2.42 0.00
N ALA A 194 -17.37 2.78 1.25
CA ALA A 194 -17.83 1.78 2.21
C ALA A 194 -19.14 1.14 1.80
N PHE A 195 -19.97 1.84 1.04
CA PHE A 195 -21.29 1.35 0.65
C PHE A 195 -21.34 0.77 -0.75
N SER A 196 -20.19 0.64 -1.41
CA SER A 196 -20.17 0.07 -2.75
C SER A 196 -20.63 -1.38 -2.70
N PRO A 197 -21.59 -1.78 -3.55
CA PRO A 197 -22.10 -3.16 -3.50
C PRO A 197 -21.45 -4.09 -4.50
N ASN A 198 -20.60 -3.56 -5.38
CA ASN A 198 -19.98 -4.35 -6.42
C ASN A 198 -18.61 -3.78 -6.75
N TYR A 199 -17.77 -4.63 -7.33
CA TYR A 199 -16.37 -4.29 -7.55
C TYR A 199 -16.22 -3.10 -8.51
N MET A 200 -17.09 -3.00 -9.50
CA MET A 200 -17.03 -1.87 -10.44
C MET A 200 -17.15 -0.54 -9.71
N SER A 201 -18.19 -0.39 -8.90
CA SER A 201 -18.37 0.88 -8.19
C SER A 201 -17.25 1.12 -7.19
N MET A 202 -16.73 0.06 -6.58
CA MET A 202 -15.63 0.24 -5.63
C MET A 202 -14.39 0.75 -6.33
N LEU A 203 -14.06 0.20 -7.50
CA LEU A 203 -12.92 0.70 -8.26
C LEU A 203 -13.16 2.13 -8.75
N LEU A 204 -14.40 2.49 -9.09
CA LEU A 204 -14.66 3.87 -9.50
C LEU A 204 -14.47 4.85 -8.33
N PHE A 205 -14.97 4.51 -7.15
CA PHE A 205 -14.71 5.36 -6.00
C PHE A 205 -13.23 5.40 -5.67
N ARG A 206 -12.53 4.27 -5.84
CA ARG A 206 -11.09 4.23 -5.60
C ARG A 206 -10.35 5.15 -6.55
N LEU A 207 -10.82 5.25 -7.80
CA LEU A 207 -10.22 6.12 -8.79
C LEU A 207 -10.51 7.59 -8.51
N LEU A 208 -11.75 7.92 -8.16
CA LEU A 208 -12.08 9.30 -7.82
C LEU A 208 -11.28 9.78 -6.61
N GLN A 209 -11.27 8.96 -5.54
CA GLN A 209 -10.42 9.25 -4.39
C GLN A 209 -8.94 9.31 -4.76
N GLY A 210 -8.50 8.50 -5.72
CA GLY A 210 -7.12 8.61 -6.18
C GLY A 210 -6.85 9.94 -6.83
N LEU A 211 -7.81 10.45 -7.60
CA LEU A 211 -7.66 11.77 -8.21
C LEU A 211 -7.51 12.84 -7.15
N VAL A 212 -8.42 12.86 -6.17
CA VAL A 212 -8.47 14.00 -5.26
C VAL A 212 -7.52 13.92 -4.06
N SER A 213 -7.10 12.72 -3.65
CA SER A 213 -6.32 12.60 -2.41
C SER A 213 -4.93 13.20 -2.54
N LYS A 214 -4.21 12.85 -3.60
CA LYS A 214 -2.88 13.43 -3.81
C LYS A 214 -2.97 14.93 -4.03
N GLY A 215 -4.00 15.38 -4.76
CA GLY A 215 -4.23 16.81 -4.90
C GLY A 215 -4.34 17.52 -3.55
N ASN A 216 -5.21 17.03 -2.69
CA ASN A 216 -5.31 17.58 -1.33
C ASN A 216 -3.98 17.55 -0.61
N TRP A 217 -3.29 16.41 -0.64
CA TRP A 217 -2.05 16.27 0.13
C TRP A 217 -1.00 17.27 -0.33
N MET A 218 -0.80 17.39 -1.65
CA MET A 218 0.14 18.35 -2.20
C MET A 218 -0.29 19.80 -1.92
N ALA A 219 -1.60 20.07 -1.98
CA ALA A 219 -2.08 21.42 -1.70
C ALA A 219 -1.80 21.79 -0.25
N GLY A 220 -2.17 20.93 0.70
CA GLY A 220 -1.87 21.19 2.10
C GLY A 220 -0.39 21.37 2.35
N TYR A 221 0.44 20.54 1.73
CA TYR A 221 1.90 20.70 1.87
C TYR A 221 2.35 22.07 1.36
N THR A 222 1.85 22.46 0.18
CA THR A 222 2.20 23.77 -0.36
C THR A 222 1.81 24.88 0.59
N LEU A 223 0.57 24.83 1.08
CA LEU A 223 0.06 25.87 2.00
C LEU A 223 0.89 25.96 3.27
N ILE A 224 1.23 24.80 3.86
CA ILE A 224 1.99 24.81 5.10
C ILE A 224 3.40 25.35 4.87
N THR A 225 4.02 25.00 3.75
CA THR A 225 5.36 25.56 3.47
C THR A 225 5.30 27.01 3.05
N GLU A 226 4.17 27.46 2.50
CA GLU A 226 3.98 28.87 2.17
C GLU A 226 3.75 29.72 3.42
N PHE A 227 3.13 29.15 4.44
CA PHE A 227 2.89 29.90 5.67
C PHE A 227 4.15 30.03 6.51
N VAL A 228 4.84 28.92 6.76
CA VAL A 228 5.95 28.94 7.71
C VAL A 228 7.14 29.68 7.13
N GLY A 229 7.88 30.36 8.00
CA GLY A 229 9.08 31.07 7.59
C GLY A 229 10.14 30.15 7.02
N SER A 230 10.90 30.69 6.06
CA SER A 230 11.82 29.91 5.25
C SER A 230 12.85 29.16 6.09
N GLY A 231 13.17 29.66 7.29
CA GLY A 231 14.08 28.94 8.16
C GLY A 231 13.45 27.69 8.75
N SER A 232 12.22 27.82 9.26
CA SER A 232 11.55 26.69 9.89
C SER A 232 10.86 25.80 8.85
N ARG A 233 10.61 26.34 7.65
CA ARG A 233 9.91 25.64 6.59
C ARG A 233 10.43 24.21 6.39
N ARG A 234 11.76 24.07 6.30
CA ARG A 234 12.34 22.74 6.11
C ARG A 234 11.96 21.79 7.24
N THR A 235 12.03 22.25 8.49
CA THR A 235 11.62 21.43 9.62
C THR A 235 10.14 21.08 9.53
N VAL A 236 9.30 22.06 9.21
CA VAL A 236 7.86 21.85 9.14
C VAL A 236 7.51 20.82 8.07
N ALA A 237 8.28 20.76 6.99
CA ALA A 237 8.09 19.73 5.98
C ALA A 237 8.24 18.33 6.57
N ILE A 238 9.32 18.08 7.31
CA ILE A 238 9.50 16.78 7.96
C ILE A 238 8.43 16.53 9.01
N MET A 239 8.02 17.56 9.75
CA MET A 239 6.92 17.38 10.70
C MET A 239 5.64 16.97 9.99
N TYR A 240 5.40 17.55 8.81
CA TYR A 240 4.25 17.18 8.00
C TYR A 240 4.35 15.74 7.52
N GLN A 241 5.58 15.30 7.19
CA GLN A 241 5.76 13.88 6.83
C GLN A 241 5.41 13.02 8.05
N MET A 242 6.00 13.32 9.21
CA MET A 242 5.76 12.50 10.40
C MET A 242 4.28 12.42 10.72
N ALA A 243 3.50 13.42 10.30
CA ALA A 243 2.06 13.29 10.46
C ALA A 243 1.51 12.09 9.69
N PHE A 244 2.14 11.75 8.56
CA PHE A 244 1.76 10.54 7.82
C PHE A 244 2.00 9.29 8.68
N THR A 245 3.13 9.23 9.36
CA THR A 245 3.41 8.10 10.24
C THR A 245 2.38 7.99 11.35
N VAL A 246 2.00 9.12 11.95
CA VAL A 246 0.93 9.08 12.95
C VAL A 246 -0.37 8.62 12.32
N GLY A 247 -0.59 8.94 11.04
CA GLY A 247 -1.72 8.39 10.32
C GLY A 247 -1.67 6.88 10.21
N LEU A 248 -0.48 6.32 9.93
CA LEU A 248 -0.33 4.86 9.87
C LEU A 248 -0.61 4.21 11.22
N VAL A 249 -0.16 4.86 12.31
CA VAL A 249 -0.47 4.34 13.64
C VAL A 249 -1.97 4.34 13.88
N ALA A 250 -2.65 5.42 13.51
CA ALA A 250 -4.10 5.46 13.67
C ALA A 250 -4.77 4.39 12.81
N LEU A 251 -4.28 4.18 11.59
CA LEU A 251 -4.80 3.11 10.73
C LEU A 251 -4.71 1.77 11.43
N THR A 252 -3.54 1.48 12.03
CA THR A 252 -3.40 0.22 12.75
C THR A 252 -4.41 0.10 13.88
N GLY A 253 -4.54 1.17 14.69
CA GLY A 253 -5.47 1.12 15.80
C GLY A 253 -6.90 0.87 15.36
N LEU A 254 -7.34 1.60 14.33
CA LEU A 254 -8.69 1.41 13.83
C LEU A 254 -8.88 0.02 13.24
N ALA A 255 -7.89 -0.48 12.50
CA ALA A 255 -8.03 -1.80 11.88
C ALA A 255 -8.01 -2.91 12.92
N TYR A 256 -7.45 -2.65 14.10
CA TYR A 256 -7.53 -3.62 15.18
C TYR A 256 -8.88 -3.55 15.88
N ALA A 257 -9.40 -2.34 16.08
CA ALA A 257 -10.68 -2.21 16.76
C ALA A 257 -11.86 -2.61 15.89
N LEU A 258 -11.74 -2.47 14.56
CA LEU A 258 -12.85 -2.65 13.63
C LEU A 258 -12.51 -3.69 12.58
N PRO A 259 -12.87 -4.95 12.80
CA PRO A 259 -12.44 -6.01 11.88
C PRO A 259 -13.06 -5.92 10.48
N HIS A 260 -14.38 -5.73 10.40
CA HIS A 260 -15.05 -5.65 9.11
C HIS A 260 -14.57 -4.45 8.32
N TRP A 261 -14.19 -4.68 7.06
CA TRP A 261 -13.58 -3.64 6.25
C TRP A 261 -14.49 -2.42 6.07
N ARG A 262 -15.81 -2.59 6.07
CA ARG A 262 -16.68 -1.43 5.94
C ARG A 262 -16.58 -0.51 7.16
N TRP A 263 -16.66 -1.08 8.37
CA TRP A 263 -16.49 -0.28 9.57
C TRP A 263 -15.19 0.50 9.52
N LEU A 264 -14.10 -0.15 9.11
CA LEU A 264 -12.81 0.52 8.99
C LEU A 264 -12.85 1.63 7.94
N GLN A 265 -13.53 1.39 6.82
CA GLN A 265 -13.59 2.39 5.75
C GLN A 265 -14.35 3.63 6.20
N LEU A 266 -15.45 3.45 6.92
CA LEU A 266 -16.18 4.58 7.48
C LEU A 266 -15.34 5.32 8.51
N ALA A 267 -14.73 4.59 9.45
CA ALA A 267 -13.97 5.24 10.50
C ALA A 267 -12.78 6.01 9.93
N VAL A 268 -12.18 5.49 8.85
CA VAL A 268 -11.13 6.23 8.14
C VAL A 268 -11.68 7.46 7.44
N SER A 269 -12.85 7.36 6.80
CA SER A 269 -13.30 8.47 5.96
C SER A 269 -13.88 9.62 6.78
N LEU A 270 -14.73 9.31 7.76
CA LEU A 270 -15.46 10.33 8.52
C LEU A 270 -14.62 11.54 8.96
N PRO A 271 -13.44 11.40 9.58
CA PRO A 271 -12.69 12.59 10.01
C PRO A 271 -12.49 13.65 8.95
N THR A 272 -12.25 13.26 7.69
CA THR A 272 -12.13 14.26 6.63
C THR A 272 -13.47 14.93 6.35
N PHE A 273 -14.58 14.26 6.63
CA PHE A 273 -15.88 14.91 6.48
C PHE A 273 -16.08 15.94 7.59
N LEU A 274 -15.82 15.53 8.84
CA LEU A 274 -15.97 16.44 9.97
C LEU A 274 -15.03 17.64 9.86
N PHE A 275 -13.88 17.45 9.21
CA PHE A 275 -12.97 18.56 8.96
C PHE A 275 -13.65 19.67 8.17
N LEU A 276 -14.53 19.34 7.22
CA LEU A 276 -15.24 20.41 6.51
C LEU A 276 -16.24 21.11 7.42
N LEU A 277 -16.93 20.34 8.28
CA LEU A 277 -17.87 20.94 9.23
C LEU A 277 -17.15 21.84 10.22
N TYR A 278 -15.84 21.67 10.37
CA TYR A 278 -15.04 22.56 11.20
C TYR A 278 -14.56 23.76 10.37
N TYR A 279 -14.01 23.49 9.19
CA TYR A 279 -13.39 24.52 8.36
C TYR A 279 -14.40 25.58 7.96
N TRP A 280 -15.67 25.20 7.77
CA TRP A 280 -16.68 26.16 7.35
C TRP A 280 -17.18 27.04 8.49
N CYS A 281 -17.07 26.56 9.73
CA CYS A 281 -17.68 27.23 10.88
C CYS A 281 -16.85 28.37 11.43
N VAL A 282 -15.60 28.52 11.00
CA VAL A 282 -14.73 29.58 11.52
C VAL A 282 -13.93 30.18 10.38
N PRO A 283 -13.49 31.43 10.55
CA PRO A 283 -12.66 32.11 9.53
C PRO A 283 -11.30 31.44 9.36
N GLU A 284 -11.07 30.90 8.17
CA GLU A 284 -9.80 30.27 7.79
C GLU A 284 -9.38 30.70 6.39
N SER A 285 -9.81 31.89 5.97
CA SER A 285 -9.61 32.32 4.59
C SER A 285 -8.15 32.49 4.15
N PRO A 286 -7.18 32.88 5.00
CA PRO A 286 -5.81 33.06 4.49
C PRO A 286 -5.23 31.86 3.77
N ARG A 287 -5.61 30.63 4.15
CA ARG A 287 -5.03 29.45 3.51
C ARG A 287 -5.26 29.46 2.00
N TRP A 288 -6.49 29.70 1.56
CA TRP A 288 -6.74 29.74 0.13
C TRP A 288 -6.52 31.12 -0.47
N LEU A 289 -6.67 32.20 0.32
CA LEU A 289 -6.56 33.54 -0.23
C LEU A 289 -5.12 33.93 -0.52
N LEU A 290 -4.17 33.48 0.28
CA LEU A 290 -2.76 33.73 0.02
C LEU A 290 -2.24 32.84 -1.10
N SER A 331 8.67 30.99 -20.11
CA SER A 331 7.66 30.13 -19.49
C SER A 331 8.22 28.72 -19.28
N PRO A 332 7.73 28.03 -18.26
CA PRO A 332 8.16 26.64 -18.05
C PRO A 332 7.71 25.74 -19.18
N SER A 333 8.59 24.81 -19.57
CA SER A 333 8.27 23.86 -20.61
C SER A 333 8.87 22.51 -20.28
N PHE A 334 8.13 21.45 -20.61
CA PHE A 334 8.59 20.09 -20.35
C PHE A 334 9.92 19.81 -21.05
N ALA A 335 10.04 20.24 -22.31
CA ALA A 335 11.26 19.99 -23.08
C ALA A 335 12.49 20.63 -22.45
N ASP A 336 12.32 21.76 -21.76
CA ASP A 336 13.47 22.43 -21.14
C ASP A 336 14.08 21.63 -20.00
N LEU A 337 13.34 20.67 -19.43
CA LEU A 337 13.91 19.76 -18.45
C LEU A 337 14.89 18.77 -19.06
N PHE A 338 15.00 18.74 -20.39
CA PHE A 338 15.81 17.75 -21.08
C PHE A 338 16.77 18.36 -22.11
N ARG A 339 16.70 19.66 -22.36
CA ARG A 339 17.44 20.30 -23.44
C ARG A 339 18.94 20.04 -23.36
N THR A 340 19.51 20.07 -22.15
CA THR A 340 20.96 19.94 -22.08
C THR A 340 21.35 18.63 -21.42
N PRO A 341 22.46 18.02 -21.86
CA PRO A 341 22.73 16.63 -21.48
C PRO A 341 22.91 16.42 -19.99
N ARG A 342 23.55 17.35 -19.29
CA ARG A 342 23.72 17.22 -17.85
C ARG A 342 22.37 17.33 -17.14
N LEU A 343 21.59 18.36 -17.49
CA LEU A 343 20.27 18.53 -16.89
C LEU A 343 19.37 17.36 -17.24
N ARG A 344 19.39 16.94 -18.50
CA ARG A 344 18.65 15.75 -18.93
C ARG A 344 19.01 14.53 -18.10
N LYS A 345 20.31 14.27 -17.91
CA LYS A 345 20.76 13.13 -17.13
C LYS A 345 20.29 13.22 -15.69
N ARG A 346 20.43 14.40 -15.07
CA ARG A 346 19.95 14.58 -13.71
C ARG A 346 18.44 14.37 -13.60
N THR A 347 17.69 14.83 -14.60
CA THR A 347 16.25 14.57 -14.65
C THR A 347 15.96 13.07 -14.71
N PHE A 348 16.65 12.35 -15.59
CA PHE A 348 16.50 10.90 -15.65
C PHE A 348 16.82 10.24 -14.31
N ILE A 349 17.87 10.69 -13.65
CA ILE A 349 18.24 10.11 -12.36
C ILE A 349 17.17 10.38 -11.31
N LEU A 350 16.73 11.62 -11.19
CA LEU A 350 15.69 11.94 -10.22
C LEU A 350 14.40 11.18 -10.49
N MET A 351 13.99 11.11 -11.76
CA MET A 351 12.85 10.27 -12.15
C MET A 351 13.04 8.84 -11.69
N TYR A 352 14.21 8.27 -11.96
CA TYR A 352 14.50 6.89 -11.60
C TYR A 352 14.40 6.69 -10.09
N LEU A 353 15.05 7.57 -9.32
CA LEU A 353 15.08 7.40 -7.87
C LEU A 353 13.70 7.57 -7.26
N TRP A 354 12.92 8.53 -7.75
CA TRP A 354 11.54 8.68 -7.27
C TRP A 354 10.72 7.44 -7.57
N PHE A 355 10.89 6.89 -8.77
CA PHE A 355 10.23 5.63 -9.13
C PHE A 355 10.67 4.52 -8.20
N THR A 356 11.97 4.37 -8.00
CA THR A 356 12.50 3.27 -7.21
C THR A 356 12.01 3.34 -5.76
N ASP A 357 12.09 4.52 -5.13
CA ASP A 357 11.65 4.63 -3.75
C ASP A 357 10.14 4.46 -3.61
N SER A 358 9.34 4.91 -4.59
CA SER A 358 7.91 4.60 -4.59
C SER A 358 7.67 3.10 -4.66
N VAL A 359 8.35 2.43 -5.59
CA VAL A 359 8.21 0.99 -5.78
C VAL A 359 8.62 0.25 -4.50
N LEU A 360 9.76 0.59 -3.92
CA LEU A 360 10.21 -0.12 -2.73
C LEU A 360 9.29 0.16 -1.54
N TYR A 361 8.76 1.37 -1.43
CA TYR A 361 7.92 1.71 -0.27
C TYR A 361 6.61 0.94 -0.32
N GLN A 362 5.86 1.08 -1.41
CA GLN A 362 4.64 0.29 -1.55
C GLN A 362 4.95 -1.20 -1.61
N GLY A 363 6.10 -1.58 -2.15
CA GLY A 363 6.54 -2.94 -2.28
C GLY A 363 6.66 -3.60 -0.93
N LEU A 364 7.48 -3.02 -0.06
CA LEU A 364 7.66 -3.58 1.28
C LEU A 364 6.35 -3.58 2.05
N ILE A 365 5.54 -2.53 1.93
CA ILE A 365 4.29 -2.51 2.70
C ILE A 365 3.33 -3.60 2.22
N LEU A 366 3.20 -3.79 0.91
CA LEU A 366 2.31 -4.84 0.40
C LEU A 366 2.89 -6.23 0.63
N HIS A 367 4.20 -6.39 0.48
CA HIS A 367 4.84 -7.67 0.76
C HIS A 367 4.56 -8.08 2.20
N MET A 368 4.84 -7.18 3.16
CA MET A 368 4.51 -7.44 4.55
C MET A 368 3.03 -7.79 4.72
N GLY A 369 2.14 -7.02 4.08
CA GLY A 369 0.73 -7.34 4.14
C GLY A 369 0.38 -8.73 3.63
N ALA A 370 1.12 -9.20 2.64
CA ALA A 370 0.88 -10.51 2.05
C ALA A 370 1.53 -11.67 2.80
N THR A 371 2.58 -11.42 3.59
CA THR A 371 3.38 -12.52 4.14
C THR A 371 3.58 -12.47 5.64
N SER A 372 3.30 -11.36 6.31
CA SER A 372 3.54 -11.28 7.75
C SER A 372 2.55 -12.15 8.51
N GLY A 373 3.04 -12.81 9.55
CA GLY A 373 2.25 -13.75 10.31
C GLY A 373 1.54 -13.11 11.49
N ASN A 374 2.03 -11.95 11.91
CA ASN A 374 1.44 -11.19 13.01
C ASN A 374 1.28 -9.74 12.56
N LEU A 375 0.46 -9.59 11.51
CA LEU A 375 0.37 -8.37 10.71
C LEU A 375 0.27 -7.10 11.55
N TYR A 376 -0.60 -7.11 12.57
CA TYR A 376 -0.85 -5.89 13.33
C TYR A 376 0.38 -5.38 14.07
N LEU A 377 1.13 -6.26 14.73
CA LEU A 377 2.37 -5.81 15.36
C LEU A 377 3.55 -5.71 14.38
N ASP A 378 3.56 -6.52 13.34
CA ASP A 378 4.58 -6.38 12.30
C ASP A 378 4.44 -5.05 11.59
N PHE A 379 3.23 -4.49 11.56
CA PHE A 379 2.95 -3.20 10.96
C PHE A 379 3.18 -2.07 11.96
N LEU A 380 2.71 -2.24 13.20
CA LEU A 380 2.91 -1.22 14.23
C LEU A 380 4.39 -0.94 14.44
N TYR A 381 5.18 -1.99 14.68
CA TYR A 381 6.62 -1.85 14.84
C TYR A 381 7.33 -1.38 13.59
N SER A 382 6.65 -1.34 12.45
CA SER A 382 7.21 -0.76 11.24
C SER A 382 6.86 0.71 11.06
N ALA A 383 5.64 1.10 11.38
CA ALA A 383 5.26 2.51 11.35
C ALA A 383 6.11 3.34 12.30
N LEU A 384 6.23 2.90 13.56
CA LEU A 384 7.00 3.62 14.57
C LEU A 384 8.49 3.67 14.29
N VAL A 385 8.95 3.10 13.17
CA VAL A 385 10.33 3.25 12.77
C VAL A 385 10.58 4.46 11.87
N GLU A 386 9.53 4.97 11.19
CA GLU A 386 9.70 6.16 10.38
C GLU A 386 10.05 7.40 11.20
N ILE A 387 9.58 7.49 12.43
CA ILE A 387 9.89 8.63 13.31
C ILE A 387 11.39 8.69 13.56
N PRO A 388 12.03 7.68 14.17
CA PRO A 388 13.50 7.71 14.24
C PRO A 388 14.13 7.95 12.88
N GLY A 389 13.57 7.37 11.82
CA GLY A 389 14.04 7.67 10.48
C GLY A 389 13.98 9.14 10.14
N ALA A 390 12.90 9.81 10.55
CA ALA A 390 12.76 11.24 10.29
C ALA A 390 13.79 12.06 11.06
N PHE A 391 14.03 11.72 12.33
CA PHE A 391 15.08 12.41 13.07
C PHE A 391 16.46 12.16 12.46
N ILE A 392 16.75 10.91 12.09
CA ILE A 392 18.01 10.58 11.44
C ILE A 392 18.18 11.40 10.17
N ALA A 393 17.12 11.53 9.38
CA ALA A 393 17.17 12.34 8.18
C ALA A 393 17.48 13.80 8.51
N LEU A 394 16.66 14.44 9.34
CA LEU A 394 16.82 15.86 9.62
C LEU A 394 18.21 16.16 10.19
N ILE A 395 18.67 15.33 11.12
CA ILE A 395 20.00 15.51 11.69
C ILE A 395 21.08 15.35 10.64
N THR A 396 21.01 14.29 9.83
CA THR A 396 22.11 14.05 8.91
C THR A 396 22.12 15.09 7.81
N ILE A 397 20.93 15.54 7.39
CA ILE A 397 20.80 16.62 6.42
C ILE A 397 21.52 17.86 6.91
N ASP A 398 21.34 18.20 8.19
CA ASP A 398 22.04 19.36 8.71
C ASP A 398 23.53 19.12 8.86
N ARG A 399 23.93 17.92 9.30
CA ARG A 399 25.33 17.68 9.64
C ARG A 399 26.24 17.47 8.44
N VAL A 400 25.83 16.72 7.42
CA VAL A 400 26.78 16.32 6.37
C VAL A 400 26.20 16.40 4.96
N GLY A 401 24.98 16.90 4.82
CA GLY A 401 24.38 17.00 3.50
C GLY A 401 23.32 15.96 3.18
N ARG A 402 23.16 15.60 1.91
CA ARG A 402 22.06 14.71 1.54
C ARG A 402 22.40 13.60 0.56
N ILE A 403 23.48 13.67 -0.23
CA ILE A 403 23.70 12.65 -1.25
C ILE A 403 24.19 11.36 -0.60
N TYR A 404 25.20 11.46 0.26
CA TYR A 404 25.72 10.28 0.94
C TYR A 404 24.65 9.57 1.77
N PRO A 405 23.83 10.27 2.57
CA PRO A 405 22.74 9.57 3.26
C PRO A 405 21.74 8.91 2.34
N MET A 406 21.33 9.57 1.25
CA MET A 406 20.36 8.97 0.34
C MET A 406 20.90 7.71 -0.30
N ALA A 407 22.20 7.72 -0.65
CA ALA A 407 22.83 6.54 -1.19
C ALA A 407 22.91 5.44 -0.14
N MET A 408 23.46 5.75 1.03
CA MET A 408 23.64 4.72 2.06
C MET A 408 22.31 4.11 2.46
N SER A 409 21.27 4.94 2.60
CA SER A 409 19.94 4.45 2.97
C SER A 409 19.29 3.61 1.88
N ASN A 410 19.55 3.91 0.60
CA ASN A 410 19.08 3.00 -0.44
C ASN A 410 19.86 1.70 -0.45
N LEU A 411 21.17 1.77 -0.20
CA LEU A 411 21.96 0.54 -0.09
C LEU A 411 21.46 -0.32 1.05
N LEU A 412 21.16 0.31 2.19
CA LEU A 412 20.59 -0.38 3.34
C LEU A 412 19.26 -1.04 3.02
N ALA A 413 18.41 -0.35 2.27
CA ALA A 413 17.14 -0.95 1.84
C ALA A 413 17.38 -2.14 0.92
N GLY A 414 18.28 -2.00 -0.04
CA GLY A 414 18.59 -3.11 -0.92
C GLY A 414 19.11 -4.33 -0.17
N ALA A 415 20.06 -4.11 0.74
CA ALA A 415 20.61 -5.19 1.54
C ALA A 415 19.54 -5.85 2.41
N ALA A 416 18.70 -5.04 3.05
CA ALA A 416 17.62 -5.59 3.87
C ALA A 416 16.68 -6.45 3.03
N CYS A 417 16.32 -5.99 1.84
CA CYS A 417 15.48 -6.80 0.96
C CYS A 417 16.18 -8.10 0.58
N LEU A 418 17.45 -8.01 0.20
CA LEU A 418 18.22 -9.19 -0.20
C LEU A 418 18.32 -10.20 0.95
N VAL A 419 18.62 -9.73 2.15
CA VAL A 419 18.73 -10.60 3.31
C VAL A 419 17.43 -11.35 3.56
N MET A 420 16.29 -10.71 3.32
CA MET A 420 15.00 -11.37 3.50
C MET A 420 14.76 -12.52 2.53
N ILE A 421 15.59 -12.66 1.49
CA ILE A 421 15.50 -13.86 0.66
C ILE A 421 16.11 -15.05 1.39
N PHE A 422 17.26 -14.86 2.02
CA PHE A 422 18.01 -15.98 2.58
C PHE A 422 17.48 -16.40 3.93
N ILE A 423 16.85 -15.46 4.66
CA ILE A 423 16.42 -15.70 6.03
C ILE A 423 15.52 -16.93 6.12
N SER A 424 15.75 -17.74 7.15
CA SER A 424 14.84 -18.80 7.55
C SER A 424 13.59 -18.18 8.16
N PRO A 425 12.42 -18.32 7.53
CA PRO A 425 11.28 -17.48 7.93
C PRO A 425 10.75 -17.79 9.31
N ASP A 426 11.09 -18.93 9.89
CA ASP A 426 10.70 -19.22 11.26
C ASP A 426 11.38 -18.29 12.26
N LEU A 427 12.47 -17.63 11.87
CA LEU A 427 13.07 -16.57 12.68
C LEU A 427 12.31 -15.26 12.49
N HIS A 428 11.05 -15.29 12.91
CA HIS A 428 10.16 -14.14 12.78
C HIS A 428 10.76 -12.88 13.41
N TRP A 429 11.41 -13.04 14.56
CA TRP A 429 12.07 -11.92 15.23
C TRP A 429 13.18 -11.32 14.36
N LEU A 430 13.83 -12.13 13.52
CA LEU A 430 14.82 -11.59 12.61
C LEU A 430 14.16 -10.93 11.40
N ASN A 431 13.11 -11.56 10.87
CA ASN A 431 12.42 -11.01 9.72
C ASN A 431 11.84 -9.62 10.01
N ILE A 432 11.20 -9.46 11.16
CA ILE A 432 10.62 -8.16 11.50
C ILE A 432 11.70 -7.11 11.68
N ILE A 433 12.85 -7.49 12.23
CA ILE A 433 13.95 -6.54 12.40
C ILE A 433 14.48 -6.08 11.05
N ILE A 434 14.74 -7.02 10.14
CA ILE A 434 15.23 -6.62 8.82
C ILE A 434 14.19 -5.78 8.09
N MET A 435 12.90 -6.15 8.20
CA MET A 435 11.84 -5.37 7.60
C MET A 435 11.83 -3.93 8.12
N CYS A 436 12.03 -3.75 9.43
CA CYS A 436 12.12 -2.42 10.01
C CYS A 436 13.32 -1.66 9.48
N VAL A 437 14.47 -2.32 9.38
CA VAL A 437 15.66 -1.66 8.84
C VAL A 437 15.41 -1.18 7.42
N GLY A 438 14.76 -2.01 6.61
CA GLY A 438 14.41 -1.59 5.25
C GLY A 438 13.46 -0.41 5.24
N ARG A 439 12.39 -0.46 6.04
CA ARG A 439 11.43 0.63 6.06
C ARG A 439 12.09 1.93 6.49
N MET A 440 12.97 1.87 7.50
CA MET A 440 13.71 3.05 7.91
C MET A 440 14.53 3.60 6.74
N GLY A 441 15.23 2.71 6.04
CA GLY A 441 16.06 3.11 4.92
C GLY A 441 15.28 3.86 3.86
N ILE A 442 14.21 3.22 3.36
CA ILE A 442 13.40 3.84 2.31
C ILE A 442 12.73 5.12 2.80
N THR A 443 12.40 5.20 4.10
CA THR A 443 11.82 6.43 4.63
C THR A 443 12.84 7.56 4.56
N ILE A 444 14.05 7.30 5.06
CA ILE A 444 15.11 8.31 5.02
C ILE A 444 15.37 8.75 3.59
N ALA A 445 15.44 7.80 2.66
CA ALA A 445 15.64 8.14 1.25
C ALA A 445 14.52 9.00 0.69
N ILE A 446 13.26 8.72 1.04
CA ILE A 446 12.15 9.55 0.58
C ILE A 446 12.24 10.96 1.16
N GLN A 447 12.62 11.06 2.44
CA GLN A 447 12.84 12.38 3.02
C GLN A 447 13.91 13.13 2.25
N MET A 448 15.03 12.46 1.97
CA MET A 448 16.15 13.13 1.33
C MET A 448 15.75 13.61 -0.06
N ILE A 449 15.12 12.72 -0.84
CA ILE A 449 14.80 13.05 -2.22
C ILE A 449 13.74 14.13 -2.32
N CYS A 450 12.85 14.25 -1.34
CA CYS A 450 11.89 15.36 -1.35
C CYS A 450 12.60 16.72 -1.36
N LEU A 451 13.72 16.82 -0.64
CA LEU A 451 14.52 18.05 -0.65
C LEU A 451 15.37 18.15 -1.90
N VAL A 452 16.06 17.06 -2.25
CA VAL A 452 16.99 17.08 -3.37
C VAL A 452 16.27 17.44 -4.68
N ASN A 453 15.02 16.99 -4.84
CA ASN A 453 14.29 17.33 -6.05
C ASN A 453 13.95 18.82 -6.12
N ALA A 454 13.92 19.50 -4.98
CA ALA A 454 13.82 20.96 -4.99
C ALA A 454 15.17 21.59 -5.29
N GLU A 455 16.24 21.08 -4.68
CA GLU A 455 17.55 21.70 -4.79
C GLU A 455 18.12 21.59 -6.21
N LEU A 456 17.91 20.46 -6.87
CA LEU A 456 18.54 20.24 -8.17
C LEU A 456 17.80 20.89 -9.32
N TYR A 457 16.58 21.40 -9.12
CA TYR A 457 15.91 22.15 -10.17
C TYR A 457 15.86 23.63 -9.84
N PRO A 458 16.19 24.50 -10.80
CA PRO A 458 16.06 25.93 -10.57
C PRO A 458 14.60 26.38 -10.53
N THR A 459 14.39 27.54 -9.91
CA THR A 459 13.06 28.07 -9.65
C THR A 459 12.26 28.25 -10.94
N PHE A 460 12.94 28.42 -12.08
CA PHE A 460 12.25 28.55 -13.36
C PHE A 460 11.45 27.30 -13.71
N VAL A 461 11.87 26.13 -13.24
CA VAL A 461 11.26 24.87 -13.61
C VAL A 461 10.98 23.95 -12.43
N ARG A 462 11.41 24.34 -11.21
CA ARG A 462 11.32 23.46 -10.04
C ARG A 462 9.95 22.79 -9.91
N ASN A 463 8.87 23.58 -10.00
CA ASN A 463 7.53 23.01 -9.82
C ASN A 463 7.17 22.02 -10.92
N LEU A 464 7.64 22.25 -12.15
CA LEU A 464 7.39 21.27 -13.20
C LEU A 464 8.21 20.00 -12.97
N GLY A 465 9.43 20.15 -12.46
CA GLY A 465 10.20 18.98 -12.07
C GLY A 465 9.53 18.15 -11.00
N VAL A 466 8.91 18.82 -10.02
CA VAL A 466 8.13 18.12 -9.01
C VAL A 466 6.93 17.40 -9.64
N MET A 467 6.23 18.07 -10.56
CA MET A 467 5.11 17.44 -11.24
C MET A 467 5.54 16.19 -11.99
N VAL A 468 6.68 16.25 -12.68
CA VAL A 468 7.22 15.09 -13.39
C VAL A 468 7.54 13.98 -12.41
N CYS A 469 8.47 14.25 -11.49
CA CYS A 469 8.92 13.23 -10.54
C CYS A 469 7.72 12.57 -9.84
N SER A 470 6.76 13.37 -9.36
CA SER A 470 5.57 12.81 -8.74
C SER A 470 4.79 11.91 -9.69
N SER A 471 4.69 12.29 -10.97
CA SER A 471 4.03 11.40 -11.92
C SER A 471 4.78 10.09 -12.11
N LEU A 472 6.11 10.14 -12.04
CA LEU A 472 6.91 8.91 -12.07
C LEU A 472 6.66 8.05 -10.85
N CYS A 473 6.57 8.68 -9.68
CA CYS A 473 6.16 7.97 -8.47
C CYS A 473 4.82 7.28 -8.67
N ASP A 474 3.85 7.97 -9.27
CA ASP A 474 2.54 7.37 -9.47
C ASP A 474 2.58 6.22 -10.47
N ILE A 475 3.43 6.33 -11.50
CA ILE A 475 3.61 5.21 -12.43
C ILE A 475 4.18 3.99 -11.71
N GLY A 476 5.18 4.20 -10.85
CA GLY A 476 5.66 3.11 -10.01
C GLY A 476 4.59 2.54 -9.11
N GLY A 477 3.73 3.41 -8.58
CA GLY A 477 2.62 2.94 -7.78
C GLY A 477 1.63 2.12 -8.58
N ILE A 478 1.50 2.39 -9.87
CA ILE A 478 0.65 1.58 -10.73
C ILE A 478 1.27 0.22 -11.00
N ILE A 479 2.59 0.17 -11.18
CA ILE A 479 3.21 -1.09 -11.57
C ILE A 479 3.45 -1.99 -10.35
N THR A 480 3.75 -1.42 -9.18
CA THR A 480 4.16 -2.22 -8.03
C THR A 480 3.17 -3.31 -7.61
N PRO A 481 1.85 -3.10 -7.56
CA PRO A 481 0.96 -4.18 -7.09
C PRO A 481 1.08 -5.47 -7.86
N PHE A 482 1.00 -5.43 -9.18
CA PHE A 482 1.12 -6.64 -10.00
C PHE A 482 2.46 -7.35 -9.79
N ILE A 483 3.52 -6.60 -9.49
CA ILE A 483 4.78 -7.25 -9.13
C ILE A 483 4.71 -7.91 -7.76
N VAL A 484 3.99 -7.31 -6.81
CA VAL A 484 3.99 -7.83 -5.44
C VAL A 484 3.14 -9.08 -5.32
N PHE A 485 1.92 -9.08 -5.86
CA PHE A 485 0.98 -10.19 -5.66
C PHE A 485 0.87 -11.06 -6.91
N ARG A 486 0.35 -10.52 -8.02
CA ARG A 486 0.13 -11.32 -9.22
C ARG A 486 1.39 -12.04 -9.68
N LEU A 487 2.56 -11.50 -9.36
CA LEU A 487 3.83 -12.15 -9.67
C LEU A 487 4.32 -13.09 -8.58
N ARG A 488 4.00 -12.81 -7.32
CA ARG A 488 4.55 -13.58 -6.20
C ARG A 488 4.18 -15.06 -6.29
N GLU A 489 3.08 -15.40 -6.96
CA GLU A 489 2.70 -16.79 -7.09
C GLU A 489 3.69 -17.61 -7.91
N VAL A 490 4.61 -16.97 -8.64
CA VAL A 490 5.66 -17.72 -9.32
C VAL A 490 6.69 -18.24 -8.33
N TRP A 491 7.26 -17.35 -7.53
CA TRP A 491 8.30 -17.73 -6.57
C TRP A 491 8.44 -16.61 -5.55
N GLN A 492 8.29 -16.95 -4.28
CA GLN A 492 8.25 -15.92 -3.22
C GLN A 492 9.54 -15.12 -3.11
N ALA A 493 10.67 -15.64 -3.61
CA ALA A 493 11.89 -14.85 -3.62
C ALA A 493 11.85 -13.71 -4.64
N LEU A 494 11.22 -13.95 -5.79
CA LEU A 494 11.21 -13.08 -6.96
C LEU A 494 11.01 -11.61 -6.56
N PRO A 495 9.86 -11.23 -5.95
CA PRO A 495 9.65 -9.80 -5.65
C PRO A 495 10.78 -9.18 -4.86
N LEU A 496 11.36 -9.95 -3.93
CA LEU A 496 12.49 -9.47 -3.15
C LEU A 496 13.75 -9.36 -3.99
N ILE A 497 13.92 -10.23 -4.98
CA ILE A 497 15.04 -10.07 -5.92
C ILE A 497 14.91 -8.75 -6.67
N LEU A 498 13.71 -8.45 -7.16
CA LEU A 498 13.48 -7.17 -7.83
C LEU A 498 13.75 -6.00 -6.89
N PHE A 499 13.24 -6.07 -5.66
CA PHE A 499 13.43 -4.97 -4.72
C PHE A 499 14.90 -4.78 -4.37
N ALA A 500 15.63 -5.88 -4.18
CA ALA A 500 17.06 -5.80 -3.96
C ALA A 500 17.77 -5.11 -5.12
N VAL A 501 17.51 -5.56 -6.35
CA VAL A 501 18.17 -4.98 -7.52
C VAL A 501 17.84 -3.50 -7.64
N LEU A 502 16.57 -3.15 -7.48
CA LEU A 502 16.16 -1.75 -7.54
C LEU A 502 16.86 -0.91 -6.48
N GLY A 503 16.90 -1.40 -5.25
CA GLY A 503 17.56 -0.66 -4.18
C GLY A 503 19.05 -0.48 -4.43
N LEU A 504 19.73 -1.55 -4.84
CA LEU A 504 21.17 -1.46 -5.11
C LEU A 504 21.47 -0.51 -6.25
N LEU A 505 20.65 -0.53 -7.30
CA LEU A 505 20.85 0.42 -8.41
C LEU A 505 20.56 1.85 -7.97
N ALA A 506 19.48 2.07 -7.21
CA ALA A 506 19.20 3.40 -6.69
C ALA A 506 20.34 3.89 -5.82
N ALA A 507 20.95 2.99 -5.05
CA ALA A 507 22.11 3.34 -4.24
C ALA A 507 23.27 3.79 -5.11
N GLY A 508 23.66 2.96 -6.07
CA GLY A 508 24.79 3.32 -6.93
C GLY A 508 24.54 4.57 -7.75
N VAL A 509 23.36 4.65 -8.38
CA VAL A 509 23.02 5.79 -9.22
C VAL A 509 23.04 7.10 -8.43
N THR A 510 22.57 7.05 -7.18
CA THR A 510 22.46 8.26 -6.36
C THR A 510 23.78 9.03 -6.27
N LEU A 511 24.91 8.33 -6.20
CA LEU A 511 26.19 8.99 -6.01
C LEU A 511 26.55 9.94 -7.14
N LEU A 512 25.89 9.84 -8.29
CA LEU A 512 26.20 10.72 -9.41
C LEU A 512 25.66 12.14 -9.24
N LEU A 513 24.67 12.33 -8.38
CA LEU A 513 24.08 13.66 -8.21
C LEU A 513 25.08 14.61 -7.56
N PRO A 514 25.10 15.89 -7.96
CA PRO A 514 26.09 16.86 -7.47
C PRO A 514 25.84 17.27 -6.03
N08 MF8 B . 5.61 8.98 -0.71
C07 MF8 B . 4.92 9.24 0.37
N06 MF8 B . 3.67 8.74 0.49
N09 MF8 B . 5.42 9.95 1.36
C01 MF8 B . 3.49 6.19 -0.97
N02 MF8 B . 3.16 7.55 -1.40
N05 MF8 B . 1.71 9.19 -0.64
C04 MF8 B . 2.82 8.50 -0.54
C03 MF8 B . 3.18 7.76 -2.84
#